data_5JFT
#
_entry.id   5JFT
#
_cell.length_a   56.910
_cell.length_b   77.869
_cell.length_c   135.671
_cell.angle_alpha   90.00
_cell.angle_beta   90.00
_cell.angle_gamma   90.00
#
_symmetry.space_group_name_H-M   'P 21 21 21'
#
loop_
_entity.id
_entity.type
_entity.pdbx_description
1 polymer 'Caspase 3, apoptosis-related cysteine protease a'
2 polymer ACE-ASP-GLU-VAL-ASK
3 non-polymer (4S)-2-METHYL-2,4-PENTANEDIOL
4 non-polymer (4R)-2-METHYLPENTANE-2,4-DIOL
5 water water
#
loop_
_entity_poly.entity_id
_entity_poly.type
_entity_poly.pdbx_seq_one_letter_code
_entity_poly.pdbx_strand_id
1 'polypeptide(L)'
;HAFRYSLNYPNIGHCIIINNKNFDRRTGMNPRNGTDVDAGNVMNVFRKLGYIVKVYNDQTVAQIMQVLTTVAHDDHSRCA
SLVCVLLSHGDEGVFFGTDTSVDLKSLTSLFRGDRCPSLVGKPKLFFIQACRGTELDPGVETDHTDHPDIPDGRERIPVE
ADFLYAYSTVPGYYSWRNTMTGSWFIQSLCEMMTKYGSELELLQIMTRVNHKVALDFESTSNMPGFDAKKQIPCIVSMLT
KEMYFTPSE
;
A,B
2 'polypeptide(L)' (ACE)DEVD(0QE) F,C
#
loop_
_chem_comp.id
_chem_comp.type
_chem_comp.name
_chem_comp.formula
0QE non-polymer chloromethane 'C H3 Cl'
ACE non-polymer 'ACETYL GROUP' 'C2 H4 O'
MPD non-polymer (4S)-2-METHYL-2,4-PENTANEDIOL 'C6 H14 O2'
MRD non-polymer (4R)-2-METHYLPENTANE-2,4-DIOL 'C6 H14 O2'
#
# COMPACT_ATOMS: atom_id res chain seq x y z
N HIS A 1 -5.64 -17.74 -15.19
CA HIS A 1 -6.94 -17.44 -14.57
C HIS A 1 -7.69 -16.36 -15.34
N ALA A 2 -7.01 -15.23 -15.53
CA ALA A 2 -7.51 -13.97 -16.11
C ALA A 2 -6.63 -12.85 -15.56
N PHE A 3 -5.65 -12.40 -16.35
CA PHE A 3 -4.61 -11.52 -15.82
C PHE A 3 -5.08 -10.08 -15.65
N ARG A 4 -6.21 -9.69 -16.20
CA ARG A 4 -6.65 -8.31 -16.07
C ARG A 4 -8.13 -8.30 -15.79
N TYR A 5 -8.58 -7.27 -15.06
CA TYR A 5 -10.00 -7.14 -14.78
C TYR A 5 -10.76 -6.91 -16.08
N SER A 6 -11.93 -7.52 -16.19
CA SER A 6 -12.68 -7.46 -17.43
C SER A 6 -13.33 -6.10 -17.60
N LEU A 7 -13.20 -5.52 -18.79
CA LEU A 7 -13.97 -4.34 -19.17
C LEU A 7 -15.22 -4.69 -19.97
N ASN A 8 -15.55 -5.97 -20.10
CA ASN A 8 -16.67 -6.43 -20.92
C ASN A 8 -17.99 -6.23 -20.15
N TYR A 9 -18.38 -4.96 -20.02
CA TYR A 9 -19.56 -4.50 -19.32
C TYR A 9 -20.12 -3.28 -20.05
N PRO A 10 -21.43 -3.04 -19.97
CA PRO A 10 -21.98 -1.80 -20.55
C PRO A 10 -21.27 -0.54 -20.08
N ASN A 11 -21.03 -0.40 -18.78
CA ASN A 11 -20.42 0.80 -18.25
C ASN A 11 -19.12 0.48 -17.55
N ILE A 12 -18.09 1.31 -17.77
CA ILE A 12 -16.87 1.12 -17.00
C ILE A 12 -17.17 1.32 -15.51
N GLY A 13 -18.14 2.17 -15.15
CA GLY A 13 -18.67 2.18 -13.81
C GLY A 13 -18.92 3.59 -13.32
N HIS A 14 -19.11 3.75 -12.02
CA HIS A 14 -19.37 5.05 -11.42
C HIS A 14 -18.14 5.63 -10.74
N CYS A 15 -18.04 6.95 -10.79
CA CYS A 15 -17.00 7.71 -10.11
C CYS A 15 -17.69 8.69 -9.16
N ILE A 16 -17.55 8.45 -7.86
CA ILE A 16 -18.11 9.30 -6.82
C ILE A 16 -17.00 10.18 -6.27
N ILE A 17 -17.19 11.49 -6.29
CA ILE A 17 -16.25 12.46 -5.73
C ILE A 17 -16.92 13.15 -4.54
N ILE A 18 -16.30 13.03 -3.37
CA ILE A 18 -16.68 13.81 -2.19
C ILE A 18 -15.66 14.94 -2.06
N ASN A 19 -16.13 16.18 -2.23
CA ASN A 19 -15.29 17.36 -2.34
C ASN A 19 -15.64 18.34 -1.21
N ASN A 20 -14.84 18.33 -0.14
CA ASN A 20 -15.13 19.19 1.01
C ASN A 20 -14.19 20.38 1.03
N LYS A 21 -14.79 21.57 1.00
CA LYS A 21 -14.10 22.86 0.96
C LYS A 21 -14.23 23.66 2.26
N ASN A 22 -15.45 23.88 2.74
CA ASN A 22 -15.71 24.72 3.90
C ASN A 22 -16.19 23.90 5.09
N PHE A 23 -15.66 24.19 6.26
CA PHE A 23 -15.90 23.35 7.41
C PHE A 23 -16.62 24.13 8.50
N ASP A 24 -17.42 23.40 9.29
CA ASP A 24 -18.04 23.91 10.50
C ASP A 24 -17.03 24.68 11.33
N ARG A 25 -17.35 25.96 11.58
CA ARG A 25 -16.46 26.85 12.34
C ARG A 25 -15.96 26.20 13.63
N ARG A 26 -16.83 25.46 14.34
CA ARG A 26 -16.45 24.89 15.63
C ARG A 26 -15.33 23.84 15.53
N THR A 27 -15.01 23.34 14.33
CA THR A 27 -13.96 22.35 14.23
C THR A 27 -12.56 22.96 14.22
N GLY A 28 -12.45 24.27 14.05
CA GLY A 28 -11.14 24.90 13.94
C GLY A 28 -10.41 24.62 12.65
N MET A 29 -11.03 23.94 11.70
CA MET A 29 -10.38 23.62 10.44
CA MET A 29 -10.39 23.61 10.43
C MET A 29 -10.64 24.69 9.39
N ASN A 30 -9.58 24.99 8.56
CA ASN A 30 -9.53 26.04 7.54
C ASN A 30 -10.14 25.55 6.22
N PRO A 31 -10.68 26.48 5.42
CA PRO A 31 -11.21 26.10 4.10
C PRO A 31 -10.12 25.55 3.19
N ARG A 32 -10.51 24.67 2.29
CA ARG A 32 -9.53 23.98 1.45
C ARG A 32 -9.49 24.60 0.05
N ASN A 33 -9.02 25.84 -0.01
CA ASN A 33 -9.06 26.58 -1.26
C ASN A 33 -8.19 25.93 -2.32
N GLY A 34 -8.72 25.85 -3.53
CA GLY A 34 -8.13 25.06 -4.58
C GLY A 34 -8.69 23.66 -4.72
N THR A 35 -9.60 23.24 -3.85
CA THR A 35 -10.09 21.88 -3.99
C THR A 35 -11.09 21.78 -5.15
N ASP A 36 -11.73 22.89 -5.52
CA ASP A 36 -12.56 22.91 -6.71
C ASP A 36 -11.72 22.70 -7.98
N VAL A 37 -10.50 23.20 -8.01
CA VAL A 37 -9.65 22.88 -9.15
C VAL A 37 -9.37 21.38 -9.19
N ASP A 38 -9.10 20.77 -8.03
CA ASP A 38 -8.88 19.33 -7.98
C ASP A 38 -10.10 18.57 -8.50
N ALA A 39 -11.27 18.84 -7.93
CA ALA A 39 -12.45 18.05 -8.25
C ALA A 39 -12.81 18.19 -9.73
N GLY A 40 -12.64 19.38 -10.29
CA GLY A 40 -12.94 19.59 -11.70
C GLY A 40 -12.02 18.79 -12.61
N ASN A 41 -10.72 18.80 -12.30
CA ASN A 41 -9.79 17.98 -13.06
C ASN A 41 -10.16 16.50 -12.99
N VAL A 42 -10.36 15.98 -11.77
CA VAL A 42 -10.70 14.56 -11.60
C VAL A 42 -11.94 14.22 -12.41
N MET A 43 -12.95 15.10 -12.36
CA MET A 43 -14.19 14.85 -13.06
C MET A 43 -13.95 14.71 -14.56
N ASN A 44 -13.18 15.62 -15.15
CA ASN A 44 -12.99 15.55 -16.60
C ASN A 44 -12.17 14.33 -16.98
N VAL A 45 -11.19 13.96 -16.15
CA VAL A 45 -10.35 12.81 -16.47
C VAL A 45 -11.18 11.53 -16.46
N PHE A 46 -11.97 11.32 -15.42
CA PHE A 46 -12.73 10.10 -15.35
C PHE A 46 -13.98 10.13 -16.24
N ARG A 47 -14.44 11.31 -16.63
CA ARG A 47 -15.50 11.35 -17.63
C ARG A 47 -14.96 10.92 -18.99
N LYS A 48 -13.74 11.36 -19.33
CA LYS A 48 -13.14 11.00 -20.61
C LYS A 48 -13.01 9.49 -20.74
N LEU A 49 -12.69 8.80 -19.64
CA LEU A 49 -12.56 7.35 -19.64
C LEU A 49 -13.90 6.65 -19.73
N GLY A 50 -15.02 7.36 -19.61
CA GLY A 50 -16.32 6.73 -19.70
C GLY A 50 -17.03 6.48 -18.38
N TYR A 51 -16.46 6.94 -17.27
CA TYR A 51 -17.15 6.80 -15.99
C TYR A 51 -18.31 7.78 -15.91
N ILE A 52 -19.36 7.37 -15.23
CA ILE A 52 -20.44 8.29 -14.85
C ILE A 52 -20.00 8.99 -13.56
N VAL A 53 -19.74 10.28 -13.63
CA VAL A 53 -19.15 11.02 -12.53
C VAL A 53 -20.24 11.80 -11.80
N LYS A 54 -20.22 11.71 -10.47
CA LYS A 54 -21.11 12.50 -9.64
C LYS A 54 -20.30 13.13 -8.52
N VAL A 55 -20.43 14.45 -8.35
CA VAL A 55 -19.70 15.23 -7.36
C VAL A 55 -20.64 15.64 -6.24
N TYR A 56 -20.25 15.34 -5.00
CA TYR A 56 -20.99 15.76 -3.81
C TYR A 56 -20.13 16.74 -3.04
N ASN A 57 -20.62 17.97 -2.89
CA ASN A 57 -19.86 19.04 -2.27
C ASN A 57 -20.27 19.24 -0.82
N ASP A 58 -19.29 19.54 0.03
CA ASP A 58 -19.51 19.93 1.41
C ASP A 58 -20.51 19.00 2.11
N GLN A 59 -20.02 17.81 2.38
CA GLN A 59 -20.81 16.74 2.95
C GLN A 59 -20.40 16.52 4.40
N THR A 60 -21.38 16.30 5.26
CA THR A 60 -21.11 15.85 6.62
C THR A 60 -20.86 14.35 6.63
N VAL A 61 -20.37 13.87 7.78
CA VAL A 61 -20.13 12.44 7.96
C VAL A 61 -21.37 11.63 7.62
N ALA A 62 -22.52 12.02 8.20
CA ALA A 62 -23.75 11.27 7.95
C ALA A 62 -24.22 11.41 6.50
N GLN A 63 -23.96 12.54 5.86
CA GLN A 63 -24.29 12.67 4.44
C GLN A 63 -23.38 11.80 3.58
N ILE A 64 -22.09 11.72 3.92
CA ILE A 64 -21.20 10.79 3.23
C ILE A 64 -21.67 9.35 3.42
N MET A 65 -21.96 8.97 4.67
CA MET A 65 -22.44 7.61 4.93
C MET A 65 -23.66 7.27 4.09
N GLN A 66 -24.61 8.17 4.04
CA GLN A 66 -25.76 7.99 3.20
C GLN A 66 -25.43 7.83 1.75
N VAL A 67 -24.65 8.74 1.21
CA VAL A 67 -24.31 8.67 -0.21
C VAL A 67 -23.63 7.35 -0.52
N LEU A 68 -22.61 6.98 0.27
CA LEU A 68 -21.86 5.77 -0.03
C LEU A 68 -22.68 4.51 0.23
N THR A 69 -23.57 4.54 1.23
CA THR A 69 -24.38 3.35 1.48
C THR A 69 -25.36 3.12 0.33
N THR A 70 -25.89 4.20 -0.25
CA THR A 70 -26.76 4.06 -1.41
C THR A 70 -26.00 3.48 -2.60
N VAL A 71 -24.77 3.95 -2.84
CA VAL A 71 -23.99 3.41 -3.96
C VAL A 71 -23.69 1.93 -3.73
N ALA A 72 -23.42 1.54 -2.49
CA ALA A 72 -23.07 0.15 -2.23
C ALA A 72 -24.28 -0.77 -2.39
N HIS A 73 -25.48 -0.29 -1.98
CA HIS A 73 -26.67 -1.10 -2.15
C HIS A 73 -27.25 -1.01 -3.56
N ASP A 74 -26.72 -0.15 -4.43
CA ASP A 74 -27.20 -0.13 -5.79
C ASP A 74 -26.71 -1.38 -6.55
N ASP A 75 -27.21 -1.56 -7.77
CA ASP A 75 -26.85 -2.71 -8.59
C ASP A 75 -25.77 -2.33 -9.58
N HIS A 76 -24.64 -3.02 -9.50
CA HIS A 76 -23.51 -2.73 -10.38
C HIS A 76 -23.25 -3.84 -11.39
N SER A 77 -24.24 -4.71 -11.62
CA SER A 77 -24.11 -5.81 -12.57
C SER A 77 -23.60 -5.32 -13.92
N ARG A 78 -24.02 -4.14 -14.34
CA ARG A 78 -23.62 -3.61 -15.64
C ARG A 78 -22.36 -2.75 -15.56
N CYS A 79 -21.73 -2.64 -14.39
CA CYS A 79 -20.53 -1.83 -14.20
C CYS A 79 -19.31 -2.71 -14.06
N ALA A 80 -18.22 -2.29 -14.70
CA ALA A 80 -16.94 -3.00 -14.59
C ALA A 80 -16.18 -2.68 -13.31
N SER A 81 -16.43 -1.53 -12.69
CA SER A 81 -15.59 -1.08 -11.58
C SER A 81 -16.29 0.03 -10.82
N LEU A 82 -15.65 0.44 -9.72
CA LEU A 82 -16.08 1.57 -8.91
C LEU A 82 -14.88 2.44 -8.58
N VAL A 83 -15.05 3.75 -8.74
CA VAL A 83 -14.03 4.73 -8.40
C VAL A 83 -14.61 5.70 -7.40
N CYS A 84 -13.84 6.01 -6.36
CA CYS A 84 -14.26 6.98 -5.35
C CYS A 84 -13.08 7.89 -5.01
N VAL A 85 -13.26 9.20 -5.16
CA VAL A 85 -12.24 10.20 -4.87
C VAL A 85 -12.67 11.01 -3.64
N LEU A 86 -11.79 11.09 -2.65
CA LEU A 86 -12.10 11.71 -1.37
C LEU A 86 -11.16 12.89 -1.15
N LEU A 87 -11.72 14.08 -1.06
CA LEU A 87 -10.95 15.32 -0.93
C LEU A 87 -11.42 16.05 0.32
N SER A 88 -10.58 16.06 1.36
CA SER A 88 -10.99 16.70 2.62
C SER A 88 -9.76 16.85 3.51
N HIS A 89 -10.00 17.37 4.70
CA HIS A 89 -9.01 17.24 5.76
C HIS A 89 -9.00 15.81 6.27
N GLY A 90 -7.94 15.47 7.00
CA GLY A 90 -7.91 14.19 7.67
C GLY A 90 -6.87 14.21 8.78
N ASP A 91 -6.78 13.07 9.46
CA ASP A 91 -5.71 12.75 10.39
C ASP A 91 -5.43 11.25 10.24
N GLU A 92 -4.51 10.71 11.05
CA GLU A 92 -4.15 9.31 10.96
C GLU A 92 -5.37 8.39 11.02
N GLY A 93 -5.70 7.72 9.93
CA GLY A 93 -6.82 6.80 9.86
C GLY A 93 -8.20 7.41 9.67
N VAL A 94 -8.33 8.74 9.61
CA VAL A 94 -9.66 9.35 9.61
C VAL A 94 -9.78 10.39 8.51
N PHE A 95 -11.04 10.63 8.13
CA PHE A 95 -11.44 11.54 7.08
C PHE A 95 -12.44 12.51 7.68
N PHE A 96 -12.37 13.79 7.30
CA PHE A 96 -13.25 14.80 7.88
C PHE A 96 -14.42 15.12 6.96
N GLY A 97 -15.63 14.90 7.47
CA GLY A 97 -16.79 15.59 6.95
C GLY A 97 -16.69 17.06 7.31
N THR A 98 -17.65 17.84 6.83
CA THR A 98 -17.63 19.26 7.18
C THR A 98 -17.80 19.48 8.68
N ASP A 99 -18.41 18.52 9.39
CA ASP A 99 -18.81 18.63 10.79
C ASP A 99 -17.85 17.95 11.76
N THR A 100 -17.28 16.79 11.43
CA THR A 100 -16.34 16.11 12.33
C THR A 100 -15.69 14.98 11.55
N SER A 101 -14.99 14.10 12.27
CA SER A 101 -14.18 13.06 11.65
C SER A 101 -14.91 11.72 11.65
N VAL A 102 -14.48 10.83 10.76
CA VAL A 102 -14.98 9.47 10.67
C VAL A 102 -13.84 8.56 10.24
N ASP A 103 -13.85 7.33 10.74
CA ASP A 103 -12.87 6.32 10.31
C ASP A 103 -13.00 6.03 8.82
N LEU A 104 -11.86 6.09 8.11
CA LEU A 104 -11.85 5.68 6.71
C LEU A 104 -12.34 4.24 6.54
N LYS A 105 -11.97 3.36 7.46
CA LYS A 105 -12.44 1.98 7.45
C LYS A 105 -13.95 1.91 7.32
N SER A 106 -14.67 2.86 7.94
CA SER A 106 -16.12 2.83 7.90
C SER A 106 -16.66 3.17 6.52
N LEU A 107 -15.96 4.04 5.77
CA LEU A 107 -16.34 4.35 4.41
C LEU A 107 -16.05 3.17 3.48
N THR A 108 -14.84 2.67 3.51
CA THR A 108 -14.43 1.70 2.50
C THR A 108 -15.06 0.33 2.74
N SER A 109 -15.26 -0.07 3.99
CA SER A 109 -15.82 -1.40 4.24
C SER A 109 -17.27 -1.54 3.77
N LEU A 110 -17.93 -0.44 3.42
CA LEU A 110 -19.25 -0.54 2.83
C LEU A 110 -19.23 -1.31 1.52
N PHE A 111 -18.06 -1.42 0.89
CA PHE A 111 -17.95 -2.08 -0.40
C PHE A 111 -17.30 -3.45 -0.32
N ARG A 112 -17.03 -3.95 0.90
CA ARG A 112 -16.56 -5.32 1.07
C ARG A 112 -17.42 -6.30 0.26
N GLY A 113 -16.80 -7.43 -0.10
CA GLY A 113 -17.49 -8.41 -0.92
C GLY A 113 -18.77 -8.96 -0.30
N ASP A 114 -18.78 -9.13 1.04
CA ASP A 114 -19.97 -9.67 1.69
C ASP A 114 -21.05 -8.62 1.96
N ARG A 115 -20.78 -7.34 1.68
CA ARG A 115 -21.77 -6.27 1.84
CA ARG A 115 -21.75 -6.26 1.86
C ARG A 115 -22.15 -5.63 0.53
N CYS A 116 -21.52 -6.02 -0.57
CA CYS A 116 -21.76 -5.40 -1.88
C CYS A 116 -21.58 -6.48 -2.93
N PRO A 117 -22.58 -7.36 -3.08
CA PRO A 117 -22.38 -8.52 -3.96
C PRO A 117 -22.19 -8.17 -5.42
N SER A 118 -22.80 -7.08 -5.89
CA SER A 118 -22.65 -6.76 -7.31
C SER A 118 -21.27 -6.18 -7.67
N LEU A 119 -20.37 -6.01 -6.71
CA LEU A 119 -19.02 -5.58 -7.06
C LEU A 119 -17.97 -6.64 -6.73
N VAL A 120 -18.40 -7.81 -6.26
CA VAL A 120 -17.46 -8.89 -5.98
C VAL A 120 -16.66 -9.22 -7.22
N GLY A 121 -15.35 -9.29 -7.07
CA GLY A 121 -14.46 -9.53 -8.18
C GLY A 121 -14.15 -8.32 -9.04
N LYS A 122 -14.67 -7.14 -8.70
CA LYS A 122 -14.42 -5.96 -9.52
C LYS A 122 -13.56 -4.97 -8.76
N PRO A 123 -12.70 -4.22 -9.46
CA PRO A 123 -11.81 -3.28 -8.76
C PRO A 123 -12.60 -2.13 -8.15
N LYS A 124 -12.34 -1.87 -6.86
CA LYS A 124 -12.90 -0.74 -6.12
C LYS A 124 -11.74 0.19 -5.79
N LEU A 125 -11.63 1.31 -6.51
CA LEU A 125 -10.44 2.17 -6.50
C LEU A 125 -10.71 3.46 -5.72
N PHE A 126 -10.02 3.64 -4.60
CA PHE A 126 -10.14 4.83 -3.75
C PHE A 126 -8.89 5.70 -3.88
N PHE A 127 -9.10 6.97 -4.18
CA PHE A 127 -8.05 7.98 -4.19
C PHE A 127 -8.36 8.96 -3.07
N ILE A 128 -7.44 9.11 -2.13
CA ILE A 128 -7.70 9.81 -0.88
C ILE A 128 -6.71 10.97 -0.76
N GLN A 129 -7.21 12.18 -0.95
CA GLN A 129 -6.45 13.39 -0.68
C GLN A 129 -6.85 13.91 0.69
N ALA A 130 -5.97 13.73 1.67
CA ALA A 130 -6.22 14.15 3.04
C ALA A 130 -4.96 13.90 3.86
N CYS A 131 -4.75 14.75 4.87
CA CYS A 131 -3.63 14.54 5.80
C CYS A 131 -3.79 13.24 6.57
N ARG A 132 -2.66 12.70 7.01
CA ARG A 132 -2.66 11.44 7.75
C ARG A 132 -1.89 11.56 9.06
N GLY A 133 -1.80 12.78 9.59
CA GLY A 133 -1.01 13.10 10.75
C GLY A 133 -0.41 14.48 10.58
N THR A 134 0.61 14.78 11.36
CA THR A 134 1.13 16.14 11.39
C THR A 134 2.63 16.22 11.17
N GLU A 135 3.26 15.15 10.69
CA GLU A 135 4.70 15.19 10.44
C GLU A 135 5.00 15.79 9.07
N LEU A 136 6.17 16.37 8.95
CA LEU A 136 6.64 17.00 7.73
C LEU A 136 7.88 16.27 7.23
N ASP A 137 7.97 16.06 5.93
CA ASP A 137 9.10 15.37 5.34
C ASP A 137 10.14 16.40 4.92
N PRO A 138 11.31 16.44 5.55
CA PRO A 138 12.30 17.47 5.23
C PRO A 138 13.04 17.23 3.92
N GLY A 139 12.95 16.03 3.36
CA GLY A 139 13.67 15.71 2.14
C GLY A 139 15.15 15.41 2.39
N VAL A 140 15.79 14.89 1.34
CA VAL A 140 17.22 14.62 1.38
C VAL A 140 17.79 14.87 -0.01
N GLU A 141 18.99 15.47 -0.06
CA GLU A 141 19.63 15.72 -1.35
C GLU A 141 20.29 14.46 -1.88
N THR A 142 20.29 14.32 -3.19
CA THR A 142 20.82 13.13 -3.84
C THR A 142 21.97 13.51 -4.76
N ASP A 143 22.53 12.50 -5.42
CA ASP A 143 23.53 12.69 -6.46
C ASP A 143 22.92 13.41 -7.68
N GLU A 155 -16.01 -20.67 -6.73
CA GLU A 155 -14.84 -20.08 -6.07
C GLU A 155 -15.24 -19.08 -4.98
N ARG A 156 -14.46 -19.06 -3.90
CA ARG A 156 -14.58 -18.05 -2.86
C ARG A 156 -13.35 -17.14 -2.88
N ILE A 157 -13.56 -15.88 -2.54
CA ILE A 157 -12.46 -14.93 -2.47
C ILE A 157 -12.58 -14.15 -1.16
N PRO A 158 -11.48 -13.57 -0.69
CA PRO A 158 -11.55 -12.76 0.53
C PRO A 158 -12.38 -11.51 0.30
N VAL A 159 -13.10 -11.12 1.36
CA VAL A 159 -13.98 -9.97 1.27
C VAL A 159 -13.18 -8.70 1.09
N GLU A 160 -11.93 -8.67 1.53
CA GLU A 160 -11.11 -7.47 1.42
C GLU A 160 -10.36 -7.38 0.09
N ALA A 161 -10.62 -8.29 -0.85
CA ALA A 161 -9.85 -8.31 -2.08
C ALA A 161 -10.40 -7.32 -3.11
N ASP A 162 -9.54 -6.94 -4.05
CA ASP A 162 -9.88 -6.08 -5.18
C ASP A 162 -10.14 -4.65 -4.77
N PHE A 163 -9.47 -4.18 -3.71
CA PHE A 163 -9.40 -2.76 -3.37
C PHE A 163 -8.05 -2.17 -3.75
N LEU A 164 -8.08 -0.90 -4.12
CA LEU A 164 -6.90 -0.04 -4.20
C LEU A 164 -7.17 1.17 -3.32
N TYR A 165 -6.22 1.50 -2.45
CA TYR A 165 -6.27 2.74 -1.67
C TYR A 165 -5.05 3.58 -2.09
N ALA A 166 -5.25 4.54 -2.98
CA ALA A 166 -4.18 5.45 -3.38
C ALA A 166 -4.22 6.69 -2.47
N TYR A 167 -3.37 6.68 -1.45
CA TYR A 167 -3.27 7.79 -0.52
C TYR A 167 -2.33 8.87 -1.04
N SER A 168 -2.66 10.13 -0.76
CA SER A 168 -1.82 11.24 -1.17
C SER A 168 -0.51 11.31 -0.43
N THR A 169 -0.41 10.70 0.76
CA THR A 169 0.79 10.85 1.59
C THR A 169 0.97 9.61 2.46
N VAL A 170 2.16 9.51 3.06
CA VAL A 170 2.57 8.43 3.98
C VAL A 170 1.79 8.52 5.29
N PRO A 171 1.48 7.41 5.98
CA PRO A 171 0.82 7.52 7.29
C PRO A 171 1.64 8.37 8.26
N GLY A 172 0.95 9.20 9.04
CA GLY A 172 1.59 10.07 9.99
C GLY A 172 1.90 11.45 9.47
N TYR A 173 1.81 11.68 8.17
CA TYR A 173 2.35 12.90 7.57
C TYR A 173 1.25 13.82 7.07
N TYR A 174 1.57 15.10 7.05
CA TYR A 174 0.78 16.08 6.33
C TYR A 174 0.77 15.78 4.83
N SER A 175 -0.26 16.28 4.17
CA SER A 175 -0.40 16.25 2.73
C SER A 175 -0.55 17.68 2.24
N TRP A 176 0.04 17.98 1.08
CA TRP A 176 0.18 19.37 0.62
C TRP A 176 -0.77 19.70 -0.52
N ARG A 177 -1.18 20.95 -0.55
CA ARG A 177 -2.14 21.49 -1.48
C ARG A 177 -1.74 22.91 -1.83
N ASN A 178 -1.85 23.26 -3.11
CA ASN A 178 -1.65 24.62 -3.58
C ASN A 178 -3.00 25.27 -3.83
N THR A 179 -3.17 26.52 -3.36
CA THR A 179 -4.48 27.16 -3.45
C THR A 179 -4.85 27.49 -4.89
N MET A 180 -3.86 27.69 -5.76
CA MET A 180 -4.14 28.00 -7.16
C MET A 180 -4.27 26.75 -8.03
N THR A 181 -3.38 25.77 -7.87
CA THR A 181 -3.36 24.58 -8.73
C THR A 181 -3.92 23.32 -8.08
N GLY A 182 -4.41 23.38 -6.84
CA GLY A 182 -4.90 22.18 -6.18
C GLY A 182 -3.82 21.34 -5.50
N SER A 183 -4.26 20.20 -4.99
CA SER A 183 -3.37 19.36 -4.22
C SER A 183 -2.29 18.76 -5.12
N TRP A 184 -1.10 18.60 -4.55
CA TRP A 184 0.01 18.02 -5.31
C TRP A 184 -0.35 16.65 -5.87
N PHE A 185 -1.00 15.81 -5.08
CA PHE A 185 -1.25 14.45 -5.51
C PHE A 185 -2.29 14.39 -6.61
N ILE A 186 -3.35 15.19 -6.49
CA ILE A 186 -4.45 15.08 -7.43
C ILE A 186 -4.09 15.71 -8.77
N GLN A 187 -3.33 16.80 -8.77
CA GLN A 187 -2.94 17.33 -10.07
C GLN A 187 -1.93 16.42 -10.75
N SER A 188 -1.13 15.68 -9.98
CA SER A 188 -0.23 14.70 -10.59
C SER A 188 -1.00 13.49 -11.10
N LEU A 189 -1.98 13.04 -10.33
CA LEU A 189 -2.84 11.95 -10.80
C LEU A 189 -3.56 12.31 -12.09
N CYS A 190 -4.12 13.52 -12.17
CA CYS A 190 -4.81 13.91 -13.38
C CYS A 190 -3.87 14.01 -14.57
N GLU A 191 -2.68 14.58 -14.36
CA GLU A 191 -1.76 14.69 -15.47
C GLU A 191 -1.29 13.32 -15.95
N MET A 192 -1.05 12.38 -15.02
CA MET A 192 -0.59 11.05 -15.43
C MET A 192 -1.73 10.18 -15.97
N MET A 193 -2.95 10.34 -15.46
CA MET A 193 -4.08 9.66 -16.08
C MET A 193 -4.27 10.13 -17.52
N THR A 194 -4.24 11.45 -17.74
CA THR A 194 -4.44 11.98 -19.07
C THR A 194 -3.37 11.47 -20.03
N LYS A 195 -2.14 11.40 -19.56
CA LYS A 195 -1.04 11.05 -20.44
C LYS A 195 -0.95 9.54 -20.66
N TYR A 196 -1.23 8.73 -19.63
CA TYR A 196 -1.02 7.29 -19.70
C TYR A 196 -2.28 6.46 -19.54
N GLY A 197 -3.44 7.09 -19.38
CA GLY A 197 -4.65 6.34 -19.06
C GLY A 197 -5.02 5.28 -20.06
N SER A 198 -4.57 5.39 -21.32
CA SER A 198 -4.89 4.38 -22.31
C SER A 198 -3.68 3.53 -22.70
N GLU A 199 -2.63 3.55 -21.92
CA GLU A 199 -1.47 2.76 -22.29
C GLU A 199 -0.94 1.87 -21.17
N LEU A 200 -0.91 2.36 -19.92
CA LEU A 200 -0.35 1.65 -18.79
C LEU A 200 -1.45 1.14 -17.85
N GLU A 201 -1.12 0.13 -17.05
CA GLU A 201 -2.05 -0.30 -16.03
C GLU A 201 -1.85 0.52 -14.74
N LEU A 202 -2.82 0.41 -13.85
CA LEU A 202 -2.99 1.45 -12.81
C LEU A 202 -1.79 1.56 -11.88
N LEU A 203 -1.21 0.43 -11.46
CA LEU A 203 -0.07 0.55 -10.55
C LEU A 203 1.13 1.15 -11.25
N GLN A 204 1.28 0.89 -12.56
CA GLN A 204 2.29 1.59 -13.35
C GLN A 204 2.01 3.08 -13.40
N ILE A 205 0.76 3.44 -13.65
CA ILE A 205 0.38 4.85 -13.60
C ILE A 205 0.69 5.44 -12.22
N MET A 206 0.35 4.72 -11.14
CA MET A 206 0.52 5.32 -9.81
C MET A 206 2.00 5.47 -9.43
N THR A 207 2.86 4.55 -9.90
CA THR A 207 4.29 4.73 -9.70
C THR A 207 4.79 6.02 -10.34
N ARG A 208 4.21 6.41 -11.47
CA ARG A 208 4.63 7.66 -12.09
C ARG A 208 4.03 8.86 -11.41
N VAL A 209 2.83 8.72 -10.84
CA VAL A 209 2.35 9.73 -9.90
C VAL A 209 3.36 9.91 -8.77
N ASN A 210 3.76 8.81 -8.13
CA ASN A 210 4.73 8.87 -7.04
C ASN A 210 5.95 9.66 -7.46
N HIS A 211 6.54 9.31 -8.61
CA HIS A 211 7.73 10.02 -9.08
C HIS A 211 7.47 11.51 -9.23
N LYS A 212 6.36 11.89 -9.84
CA LYS A 212 6.09 13.29 -10.11
C LYS A 212 5.92 14.09 -8.81
N VAL A 213 5.15 13.55 -7.85
CA VAL A 213 4.99 14.23 -6.57
C VAL A 213 6.33 14.31 -5.84
N ALA A 214 7.10 13.22 -5.89
CA ALA A 214 8.37 13.18 -5.18
C ALA A 214 9.35 14.21 -5.71
N LEU A 215 9.37 14.43 -7.01
CA LEU A 215 10.45 15.21 -7.62
C LEU A 215 10.09 16.66 -7.89
N ASP A 216 8.86 16.95 -8.33
CA ASP A 216 8.53 18.27 -8.86
C ASP A 216 7.93 19.23 -7.84
N PHE A 217 7.66 18.79 -6.61
CA PHE A 217 7.00 19.65 -5.64
C PHE A 217 7.85 19.84 -4.41
N GLU A 218 7.89 21.07 -3.91
CA GLU A 218 8.53 21.39 -2.64
C GLU A 218 7.84 22.62 -2.07
N SER A 219 7.54 22.59 -0.77
CA SER A 219 6.72 23.65 -0.20
C SER A 219 7.49 24.96 -0.10
N THR A 220 6.74 26.06 -0.24
CA THR A 220 7.21 27.41 0.04
C THR A 220 6.27 28.02 1.08
N SER A 221 6.80 28.41 2.23
CA SER A 221 5.95 28.98 3.27
C SER A 221 6.81 29.85 4.17
N ASN A 222 6.23 30.96 4.61
CA ASN A 222 6.84 31.76 5.66
C ASN A 222 6.40 31.32 7.05
N MET A 223 5.46 30.40 7.15
CA MET A 223 5.05 29.88 8.45
C MET A 223 6.18 29.03 9.04
N PRO A 224 6.66 29.34 10.26
CA PRO A 224 7.85 28.64 10.79
C PRO A 224 7.68 27.14 10.79
N GLY A 225 8.75 26.42 10.42
CA GLY A 225 8.73 24.98 10.33
C GLY A 225 8.11 24.41 9.08
N PHE A 226 7.46 25.20 8.24
CA PHE A 226 6.70 24.65 7.12
C PHE A 226 7.39 24.80 5.77
N ASP A 227 8.62 25.30 5.72
CA ASP A 227 9.26 25.66 4.46
C ASP A 227 10.08 24.49 3.91
N ALA A 228 10.06 24.34 2.59
CA ALA A 228 10.95 23.41 1.87
C ALA A 228 10.69 21.94 2.22
N LYS A 229 9.43 21.55 2.31
CA LYS A 229 9.10 20.17 2.68
C LYS A 229 8.65 19.36 1.46
N LYS A 230 8.69 18.03 1.62
CA LYS A 230 8.45 17.14 0.50
C LYS A 230 7.29 16.21 0.81
N GLN A 231 6.87 15.45 -0.20
CA GLN A 231 5.77 14.52 -0.04
C GLN A 231 5.96 13.34 -0.97
N ILE A 232 5.63 12.15 -0.49
CA ILE A 232 5.53 10.97 -1.35
C ILE A 232 4.18 10.31 -1.11
N PRO A 233 3.44 9.93 -2.15
CA PRO A 233 2.18 9.21 -1.93
C PRO A 233 2.43 7.76 -1.52
N CYS A 234 1.34 7.12 -1.11
CA CYS A 234 1.37 5.78 -0.53
C CYS A 234 0.26 4.96 -1.19
N ILE A 235 0.65 4.00 -2.02
CA ILE A 235 -0.27 3.26 -2.87
C ILE A 235 -0.45 1.87 -2.27
N VAL A 236 -1.65 1.59 -1.78
CA VAL A 236 -1.96 0.35 -1.07
C VAL A 236 -2.83 -0.51 -1.98
N SER A 237 -2.32 -1.67 -2.38
CA SER A 237 -3.00 -2.54 -3.33
C SER A 237 -3.36 -3.90 -2.73
N MET A 238 -4.66 -4.21 -2.73
CA MET A 238 -5.19 -5.55 -2.60
CA MET A 238 -5.12 -5.59 -2.61
C MET A 238 -5.75 -6.06 -3.91
N LEU A 239 -5.28 -5.52 -5.03
CA LEU A 239 -5.79 -5.95 -6.33
C LEU A 239 -5.21 -7.32 -6.67
N THR A 240 -6.04 -8.15 -7.28
CA THR A 240 -5.64 -9.50 -7.68
C THR A 240 -5.39 -9.60 -9.19
N LYS A 241 -5.62 -8.54 -9.95
CA LYS A 241 -5.41 -8.54 -11.39
C LYS A 241 -4.90 -7.17 -11.82
N GLU A 242 -4.41 -7.12 -13.05
CA GLU A 242 -4.02 -5.85 -13.64
C GLU A 242 -5.28 -5.05 -13.98
N MET A 243 -5.22 -3.73 -13.74
CA MET A 243 -6.33 -2.83 -14.06
C MET A 243 -5.91 -1.94 -15.22
N TYR A 244 -6.58 -2.09 -16.36
CA TYR A 244 -6.48 -1.20 -17.50
C TYR A 244 -7.82 -0.47 -17.69
N PHE A 245 -7.74 0.74 -18.24
CA PHE A 245 -8.93 1.56 -18.42
C PHE A 245 -9.48 1.57 -19.85
N THR A 246 -8.81 0.94 -20.80
CA THR A 246 -9.26 0.78 -22.18
C THR A 246 -9.10 -0.68 -22.59
N PRO A 247 -9.88 -1.15 -23.59
CA PRO A 247 -9.75 -2.55 -23.99
C PRO A 247 -8.42 -2.91 -24.63
N SER A 248 -7.70 -1.92 -25.17
CA SER A 248 -6.46 -2.13 -25.91
C SER A 248 -5.47 -1.03 -25.54
N GLU A 249 -4.18 -1.37 -25.57
CA GLU A 249 -3.13 -0.38 -25.32
C GLU A 249 -2.57 0.16 -26.63
N ALA B 2 13.84 8.48 -16.39
CA ALA B 2 14.27 7.12 -16.07
C ALA B 2 13.15 6.36 -15.36
N PHE B 3 12.51 5.44 -16.09
CA PHE B 3 11.31 4.78 -15.59
C PHE B 3 11.61 3.57 -14.72
N ARG B 4 12.88 3.19 -14.59
CA ARG B 4 13.28 1.92 -14.00
C ARG B 4 14.50 2.13 -13.09
N TYR B 5 14.47 1.50 -11.91
CA TYR B 5 15.60 1.60 -11.00
C TYR B 5 16.84 1.02 -11.66
N SER B 6 17.95 1.73 -11.57
CA SER B 6 19.18 1.31 -12.23
C SER B 6 19.73 0.03 -11.61
N LEU B 7 20.15 -0.90 -12.47
CA LEU B 7 20.89 -2.08 -12.06
C LEU B 7 22.38 -1.99 -12.41
N ASN B 8 22.87 -0.80 -12.76
CA ASN B 8 24.28 -0.60 -13.12
C ASN B 8 25.12 -0.45 -11.84
N TYR B 9 25.28 -1.58 -11.15
CA TYR B 9 26.00 -1.67 -9.89
C TYR B 9 26.67 -3.02 -9.81
N PRO B 10 27.83 -3.11 -9.16
CA PRO B 10 28.48 -4.42 -9.00
C PRO B 10 27.58 -5.48 -8.39
N ASN B 11 26.71 -5.12 -7.45
CA ASN B 11 25.85 -6.07 -6.77
C ASN B 11 24.40 -5.63 -6.81
N ILE B 12 23.49 -6.59 -7.02
CA ILE B 12 22.07 -6.24 -6.92
C ILE B 12 21.71 -5.87 -5.47
N GLY B 13 22.36 -6.52 -4.49
CA GLY B 13 22.36 -6.02 -3.13
C GLY B 13 22.28 -7.14 -2.11
N HIS B 14 21.94 -6.75 -0.88
CA HIS B 14 21.84 -7.66 0.26
C HIS B 14 20.40 -8.03 0.56
N CYS B 15 20.21 -9.23 1.09
CA CYS B 15 18.91 -9.75 1.49
C CYS B 15 19.06 -10.24 2.92
N ILE B 16 18.43 -9.54 3.87
CA ILE B 16 18.49 -9.90 5.28
C ILE B 16 17.18 -10.57 5.66
N ILE B 17 17.27 -11.78 6.22
CA ILE B 17 16.10 -12.54 6.63
C ILE B 17 16.12 -12.65 8.15
N ILE B 18 15.03 -12.24 8.79
CA ILE B 18 14.86 -12.44 10.22
C ILE B 18 13.77 -13.48 10.43
N ASN B 19 14.14 -14.59 11.04
CA ASN B 19 13.33 -15.81 11.04
C ASN B 19 13.15 -16.21 12.50
N ASN B 20 12.01 -15.85 13.07
CA ASN B 20 11.73 -16.11 14.48
C ASN B 20 10.78 -17.30 14.58
N LYS B 21 11.27 -18.40 15.14
CA LYS B 21 10.51 -19.63 15.33
C LYS B 21 10.08 -19.85 16.77
N ASN B 22 10.98 -19.64 17.74
CA ASN B 22 10.74 -19.99 19.14
C ASN B 22 10.69 -18.74 20.00
N PHE B 23 9.66 -18.65 20.84
CA PHE B 23 9.37 -17.42 21.57
C PHE B 23 9.44 -17.62 23.07
N ASP B 24 9.79 -16.54 23.76
CA ASP B 24 9.89 -16.52 25.21
C ASP B 24 8.62 -17.08 25.83
N ARG B 25 8.79 -18.11 26.68
CA ARG B 25 7.63 -18.76 27.31
C ARG B 25 6.75 -17.76 28.03
N ARG B 26 7.35 -16.83 28.80
CA ARG B 26 6.63 -15.76 29.51
C ARG B 26 5.89 -14.78 28.55
N THR B 27 5.83 -15.05 27.26
CA THR B 27 5.03 -14.25 26.34
C THR B 27 3.80 -14.99 25.85
N GLY B 28 3.70 -16.30 26.11
CA GLY B 28 2.53 -17.07 25.75
C GLY B 28 2.28 -17.16 24.26
N MET B 29 3.33 -17.15 23.44
CA MET B 29 3.17 -17.28 22.01
C MET B 29 3.72 -18.62 21.55
N ASN B 30 2.96 -19.27 20.69
CA ASN B 30 3.26 -20.62 20.27
C ASN B 30 4.39 -20.64 19.23
N PRO B 31 5.07 -21.77 19.08
CA PRO B 31 6.11 -21.88 18.04
C PRO B 31 5.54 -21.65 16.65
N ARG B 32 6.38 -21.15 15.75
CA ARG B 32 5.95 -20.90 14.39
C ARG B 32 6.46 -22.01 13.47
N ASN B 33 5.92 -23.21 13.66
CA ASN B 33 6.36 -24.37 12.91
C ASN B 33 6.11 -24.17 11.41
N GLY B 34 7.09 -24.57 10.60
CA GLY B 34 7.05 -24.32 9.17
C GLY B 34 7.81 -23.07 8.73
N THR B 35 8.33 -22.27 9.67
CA THR B 35 9.01 -21.06 9.24
C THR B 35 10.41 -21.34 8.70
N ASP B 36 11.01 -22.49 9.04
CA ASP B 36 12.30 -22.84 8.42
C ASP B 36 12.14 -23.17 6.94
N VAL B 37 11.01 -23.76 6.56
CA VAL B 37 10.73 -23.96 5.14
C VAL B 37 10.62 -22.60 4.44
N ASP B 38 9.88 -21.68 5.05
CA ASP B 38 9.77 -20.32 4.53
C ASP B 38 11.15 -19.72 4.28
N ALA B 39 12.00 -19.71 5.31
CA ALA B 39 13.28 -19.00 5.20
C ALA B 39 14.20 -19.67 4.19
N GLY B 40 14.24 -21.00 4.18
CA GLY B 40 15.01 -21.70 3.16
C GLY B 40 14.51 -21.40 1.76
N ASN B 41 13.18 -21.36 1.59
CA ASN B 41 12.58 -21.02 0.31
C ASN B 41 13.02 -19.63 -0.17
N VAL B 42 12.82 -18.62 0.67
CA VAL B 42 13.16 -17.25 0.30
C VAL B 42 14.66 -17.12 0.04
N MET B 43 15.46 -17.80 0.85
CA MET B 43 16.92 -17.74 0.71
C MET B 43 17.37 -18.18 -0.68
N ASN B 44 16.85 -19.31 -1.16
CA ASN B 44 17.25 -19.80 -2.48
C ASN B 44 16.76 -18.88 -3.59
N VAL B 45 15.50 -18.43 -3.50
CA VAL B 45 14.96 -17.54 -4.52
C VAL B 45 15.83 -16.30 -4.68
N PHE B 46 16.13 -15.62 -3.59
CA PHE B 46 16.89 -14.38 -3.73
C PHE B 46 18.37 -14.64 -4.00
N ARG B 47 18.93 -15.74 -3.49
CA ARG B 47 20.29 -16.10 -3.85
C ARG B 47 20.43 -16.29 -5.37
N LYS B 48 19.46 -16.97 -5.99
CA LYS B 48 19.54 -17.18 -7.44
C LYS B 48 19.37 -15.88 -8.22
N LEU B 49 18.75 -14.85 -7.64
CA LEU B 49 18.69 -13.56 -8.30
C LEU B 49 19.95 -12.74 -8.11
N GLY B 50 20.92 -13.23 -7.33
CA GLY B 50 22.18 -12.55 -7.14
C GLY B 50 22.34 -11.83 -5.82
N TYR B 51 21.34 -11.89 -4.94
CA TYR B 51 21.47 -11.23 -3.65
C TYR B 51 22.44 -12.00 -2.77
N ILE B 52 23.12 -11.27 -1.90
CA ILE B 52 23.90 -11.88 -0.83
C ILE B 52 22.97 -12.04 0.37
N VAL B 53 22.65 -13.28 0.72
CA VAL B 53 21.62 -13.58 1.70
C VAL B 53 22.27 -13.93 3.04
N LYS B 54 21.81 -13.28 4.10
CA LYS B 54 22.15 -13.66 5.47
C LYS B 54 20.86 -13.93 6.23
N VAL B 55 20.81 -15.05 6.93
CA VAL B 55 19.67 -15.43 7.76
C VAL B 55 20.05 -15.28 9.22
N TYR B 56 19.22 -14.59 9.98
CA TYR B 56 19.33 -14.49 11.43
C TYR B 56 18.13 -15.19 12.04
N ASN B 57 18.37 -16.21 12.86
CA ASN B 57 17.29 -16.94 13.50
C ASN B 57 17.08 -16.48 14.93
N ASP B 58 15.81 -16.49 15.35
CA ASP B 58 15.38 -16.31 16.73
C ASP B 58 16.06 -15.11 17.40
N GLN B 59 15.81 -13.93 16.82
CA GLN B 59 16.36 -12.65 17.28
C GLN B 59 15.39 -11.92 18.21
N THR B 60 15.91 -11.37 19.31
CA THR B 60 15.12 -10.47 20.14
C THR B 60 14.94 -9.13 19.44
N VAL B 61 14.15 -8.26 20.06
CA VAL B 61 13.96 -6.91 19.52
C VAL B 61 15.29 -6.16 19.45
N ALA B 62 16.04 -6.15 20.56
CA ALA B 62 17.30 -5.44 20.57
C ALA B 62 18.30 -6.08 19.58
N GLN B 63 18.28 -7.41 19.45
CA GLN B 63 19.15 -8.04 18.46
C GLN B 63 18.75 -7.64 17.04
N ILE B 64 17.45 -7.60 16.76
CA ILE B 64 17.00 -7.14 15.44
C ILE B 64 17.47 -5.72 15.18
N MET B 65 17.24 -4.82 16.16
CA MET B 65 17.66 -3.43 16.02
C MET B 65 19.15 -3.33 15.73
N GLN B 66 19.94 -4.14 16.39
CA GLN B 66 21.36 -4.15 16.17
C GLN B 66 21.71 -4.55 14.77
N VAL B 67 21.20 -5.66 14.33
CA VAL B 67 21.51 -6.15 12.97
C VAL B 67 21.15 -5.10 11.92
N LEU B 68 19.96 -4.50 12.04
CA LEU B 68 19.51 -3.55 11.01
C LEU B 68 20.20 -2.21 11.13
N THR B 69 20.56 -1.80 12.35
CA THR B 69 21.33 -0.57 12.48
C THR B 69 22.68 -0.70 11.78
N THR B 70 23.38 -1.83 11.99
CA THR B 70 24.66 -1.99 11.31
C THR B 70 24.47 -2.12 9.80
N VAL B 71 23.43 -2.83 9.36
CA VAL B 71 23.13 -2.89 7.93
C VAL B 71 22.89 -1.50 7.37
N ALA B 72 22.09 -0.69 8.09
CA ALA B 72 21.79 0.65 7.62
C ALA B 72 23.03 1.53 7.58
N HIS B 73 23.97 1.30 8.49
CA HIS B 73 25.20 2.09 8.51
C HIS B 73 26.26 1.59 7.56
N ASP B 74 26.12 0.37 7.02
CA ASP B 74 27.08 -0.11 6.04
C ASP B 74 27.05 0.79 4.81
N ASP B 75 28.08 0.64 3.98
CA ASP B 75 28.17 1.37 2.72
C ASP B 75 27.57 0.52 1.61
N HIS B 76 26.53 1.07 0.95
CA HIS B 76 25.84 0.34 -0.11
C HIS B 76 26.05 1.01 -1.47
N SER B 77 27.17 1.70 -1.62
CA SER B 77 27.51 2.37 -2.89
C SER B 77 27.49 1.40 -4.06
N ARG B 78 28.04 0.21 -3.87
CA ARG B 78 28.13 -0.76 -4.95
C ARG B 78 26.90 -1.65 -5.06
N CYS B 79 25.80 -1.29 -4.41
CA CYS B 79 24.58 -2.10 -4.35
C CYS B 79 23.43 -1.38 -5.05
N ALA B 80 22.63 -2.14 -5.80
CA ALA B 80 21.45 -1.64 -6.48
C ALA B 80 20.24 -1.46 -5.56
N SER B 81 20.14 -2.25 -4.49
CA SER B 81 18.90 -2.32 -3.72
C SER B 81 19.17 -2.98 -2.37
N LEU B 82 18.11 -3.08 -1.58
CA LEU B 82 18.08 -3.81 -0.32
C LEU B 82 16.75 -4.54 -0.21
N VAL B 83 16.83 -5.80 0.22
CA VAL B 83 15.69 -6.66 0.45
C VAL B 83 15.74 -7.11 1.91
N CYS B 84 14.60 -7.06 2.59
CA CYS B 84 14.50 -7.45 3.98
C CYS B 84 13.24 -8.29 4.14
N VAL B 85 13.39 -9.53 4.61
CA VAL B 85 12.28 -10.43 4.82
C VAL B 85 12.11 -10.66 6.31
N LEU B 86 10.90 -10.43 6.81
CA LEU B 86 10.60 -10.47 8.23
C LEU B 86 9.52 -11.52 8.46
N LEU B 87 9.86 -12.54 9.27
CA LEU B 87 8.98 -13.67 9.57
C LEU B 87 8.84 -13.80 11.08
N SER B 88 7.64 -13.61 11.59
CA SER B 88 7.46 -13.68 13.04
C SER B 88 5.99 -13.58 13.37
N HIS B 89 5.68 -13.61 14.66
CA HIS B 89 4.41 -13.13 15.14
C HIS B 89 4.31 -11.63 15.02
N GLY B 90 3.08 -11.12 15.03
CA GLY B 90 2.86 -9.69 14.96
C GLY B 90 1.49 -9.33 15.49
N ASP B 91 1.26 -8.02 15.56
CA ASP B 91 -0.05 -7.45 15.84
C ASP B 91 -0.10 -6.15 15.06
N GLU B 92 -1.18 -5.39 15.20
CA GLU B 92 -1.33 -4.21 14.34
C GLU B 92 -0.20 -3.20 14.57
N GLY B 93 0.47 -2.83 13.47
CA GLY B 93 1.60 -1.94 13.50
C GLY B 93 2.84 -2.49 14.15
N VAL B 94 2.83 -3.74 14.59
CA VAL B 94 3.81 -4.24 15.56
C VAL B 94 4.40 -5.56 15.07
N PHE B 95 5.66 -5.79 15.44
CA PHE B 95 6.41 -6.98 15.07
C PHE B 95 7.05 -7.58 16.32
N PHE B 96 7.06 -8.91 16.41
CA PHE B 96 7.59 -9.56 17.61
C PHE B 96 8.99 -10.08 17.38
N GLY B 97 9.93 -9.61 18.19
CA GLY B 97 11.12 -10.38 18.45
C GLY B 97 10.76 -11.58 19.29
N THR B 98 11.75 -12.42 19.58
CA THR B 98 11.49 -13.58 20.43
C THR B 98 11.05 -13.18 21.83
N ASP B 99 11.29 -11.94 22.25
CA ASP B 99 11.09 -11.50 23.62
C ASP B 99 9.89 -10.60 23.83
N THR B 100 9.59 -9.71 22.90
CA THR B 100 8.51 -8.73 23.07
C THR B 100 8.27 -8.09 21.71
N SER B 101 7.40 -7.11 21.67
CA SER B 101 7.07 -6.46 20.41
C SER B 101 7.85 -5.18 20.22
N VAL B 102 7.83 -4.68 18.99
CA VAL B 102 8.45 -3.42 18.63
C VAL B 102 7.66 -2.87 17.44
N ASP B 103 7.60 -1.55 17.35
CA ASP B 103 6.89 -0.93 16.24
C ASP B 103 7.66 -1.15 14.94
N LEU B 104 6.94 -1.56 13.89
CA LEU B 104 7.58 -1.81 12.61
C LEU B 104 8.22 -0.56 12.07
N LYS B 105 7.62 0.60 12.34
CA LYS B 105 8.15 1.88 11.88
C LYS B 105 9.58 2.10 12.37
N SER B 106 9.88 1.70 13.61
CA SER B 106 11.23 1.99 14.06
C SER B 106 12.27 1.05 13.44
N LEU B 107 11.85 -0.08 12.87
CA LEU B 107 12.77 -0.91 12.09
C LEU B 107 13.00 -0.31 10.70
N THR B 108 11.92 0.00 9.98
CA THR B 108 12.06 0.43 8.59
C THR B 108 12.60 1.85 8.49
N SER B 109 12.29 2.73 9.46
CA SER B 109 12.80 4.09 9.38
C SER B 109 14.31 4.18 9.60
N LEU B 110 14.94 3.09 10.05
CA LEU B 110 16.41 3.02 10.05
C LEU B 110 16.99 3.26 8.67
N PHE B 111 16.24 2.95 7.61
CA PHE B 111 16.72 3.11 6.24
C PHE B 111 16.18 4.36 5.54
N ARG B 112 15.52 5.28 6.25
CA ARG B 112 15.11 6.56 5.68
C ARG B 112 16.27 7.24 4.98
N GLY B 113 15.92 8.04 3.96
CA GLY B 113 16.94 8.76 3.19
C GLY B 113 17.93 9.53 4.04
N ASP B 114 17.42 10.33 5.00
CA ASP B 114 18.32 11.14 5.81
C ASP B 114 19.08 10.32 6.85
N ARG B 115 18.73 9.07 7.06
CA ARG B 115 19.45 8.22 8.01
CA ARG B 115 19.43 8.20 8.01
C ARG B 115 20.31 7.16 7.33
N CYS B 116 20.14 6.95 6.03
CA CYS B 116 20.88 5.93 5.28
C CYS B 116 21.24 6.49 3.92
N PRO B 117 22.27 7.33 3.85
CA PRO B 117 22.54 8.08 2.61
C PRO B 117 22.93 7.21 1.42
N SER B 118 23.59 6.08 1.64
CA SER B 118 24.05 5.28 0.51
C SER B 118 22.94 4.41 -0.09
N LEU B 119 21.71 4.49 0.42
CA LEU B 119 20.58 3.86 -0.23
C LEU B 119 19.60 4.87 -0.83
N VAL B 120 19.92 6.16 -0.80
CA VAL B 120 19.06 7.17 -1.39
C VAL B 120 18.82 6.86 -2.86
N GLY B 121 17.56 6.93 -3.28
CA GLY B 121 17.19 6.63 -4.64
C GLY B 121 17.12 5.16 -4.97
N LYS B 122 17.43 4.28 -4.02
CA LYS B 122 17.45 2.87 -4.32
C LYS B 122 16.27 2.15 -3.66
N PRO B 123 15.74 1.12 -4.31
CA PRO B 123 14.59 0.41 -3.75
C PRO B 123 14.95 -0.33 -2.48
N LYS B 124 14.17 -0.11 -1.44
CA LYS B 124 14.29 -0.78 -0.15
C LYS B 124 13.02 -1.61 -0.02
N LEU B 125 13.15 -2.92 -0.18
CA LEU B 125 12.03 -3.84 -0.39
C LEU B 125 11.84 -4.71 0.84
N PHE B 126 10.77 -4.45 1.59
CA PHE B 126 10.47 -5.19 2.80
C PHE B 126 9.31 -6.15 2.54
N PHE B 127 9.49 -7.40 2.93
CA PHE B 127 8.45 -8.43 2.87
C PHE B 127 8.16 -8.90 4.28
N ILE B 128 6.90 -8.81 4.71
CA ILE B 128 6.56 -8.93 6.13
C ILE B 128 5.48 -9.99 6.29
N GLN B 129 5.89 -11.15 6.80
CA GLN B 129 4.95 -12.20 7.18
C GLN B 129 4.75 -12.09 8.69
N ALA B 130 3.54 -11.68 9.10
CA ALA B 130 3.19 -11.48 10.50
C ALA B 130 1.73 -11.08 10.62
N CYS B 131 1.06 -11.56 11.66
CA CYS B 131 -0.26 -11.06 12.02
C CYS B 131 -0.30 -9.55 12.12
N ARG B 132 -1.48 -8.97 11.85
CA ARG B 132 -1.68 -7.54 11.95
C ARG B 132 -2.93 -7.20 12.78
N GLY B 133 -3.33 -8.09 13.67
CA GLY B 133 -4.57 -8.01 14.40
C GLY B 133 -5.16 -9.39 14.53
N THR B 134 -6.45 -9.45 14.93
CA THR B 134 -7.11 -10.71 15.23
C THR B 134 -8.38 -10.93 14.41
N GLU B 135 -8.60 -10.15 13.35
CA GLU B 135 -9.78 -10.37 12.52
C GLU B 135 -9.56 -11.53 11.55
N LEU B 136 -10.64 -12.20 11.18
CA LEU B 136 -10.63 -13.32 10.25
C LEU B 136 -11.52 -13.01 9.06
N ASP B 137 -11.03 -13.32 7.87
CA ASP B 137 -11.77 -13.01 6.64
C ASP B 137 -12.62 -14.23 6.27
N PRO B 138 -13.94 -14.13 6.27
CA PRO B 138 -14.76 -15.31 5.92
C PRO B 138 -14.88 -15.54 4.42
N GLY B 139 -14.40 -14.62 3.60
CA GLY B 139 -14.53 -14.76 2.18
C GLY B 139 -15.97 -14.63 1.72
N VAL B 140 -16.14 -14.72 0.40
CA VAL B 140 -17.45 -14.58 -0.23
C VAL B 140 -17.41 -15.38 -1.53
N GLU B 141 -18.49 -16.11 -1.80
CA GLU B 141 -18.60 -16.87 -3.04
C GLU B 141 -18.91 -15.91 -4.18
N THR B 142 -18.34 -16.19 -5.35
CA THR B 142 -18.65 -15.41 -6.55
C THR B 142 -19.95 -15.90 -7.21
N ARG B 154 21.33 19.68 -5.95
CA ARG B 154 21.32 18.60 -6.92
C ARG B 154 20.07 17.74 -6.91
N GLU B 155 18.92 18.25 -6.55
CA GLU B 155 17.81 17.30 -6.39
C GLU B 155 17.50 16.82 -5.01
N ARG B 156 16.40 17.27 -4.45
CA ARG B 156 15.99 16.71 -3.17
C ARG B 156 14.79 15.77 -3.36
N ILE B 157 14.74 14.71 -2.58
CA ILE B 157 13.63 13.78 -2.64
C ILE B 157 13.14 13.50 -1.23
N PRO B 158 11.91 12.99 -1.10
CA PRO B 158 11.39 12.70 0.24
C PRO B 158 12.22 11.63 0.92
N VAL B 159 12.32 11.71 2.25
CA VAL B 159 13.06 10.66 2.96
C VAL B 159 12.27 9.37 3.07
N GLU B 160 10.95 9.40 2.81
CA GLU B 160 10.13 8.20 2.81
C GLU B 160 10.08 7.51 1.46
N ALA B 161 10.72 8.05 0.43
CA ALA B 161 10.57 7.54 -0.92
C ALA B 161 11.33 6.24 -1.14
N ASP B 162 10.87 5.45 -2.13
CA ASP B 162 11.55 4.26 -2.62
C ASP B 162 11.53 3.11 -1.62
N PHE B 163 10.48 3.04 -0.83
CA PHE B 163 10.19 1.89 0.02
C PHE B 163 9.05 1.08 -0.58
N LEU B 164 9.10 -0.21 -0.31
CA LEU B 164 8.03 -1.13 -0.63
C LEU B 164 7.80 -1.98 0.62
N TYR B 165 6.57 -2.01 1.11
CA TYR B 165 6.21 -2.82 2.27
C TYR B 165 5.18 -3.81 1.78
N ALA B 166 5.60 -5.05 1.56
CA ALA B 166 4.71 -6.08 1.04
C ALA B 166 4.27 -6.92 2.23
N TYR B 167 3.09 -6.60 2.76
CA TYR B 167 2.57 -7.28 3.92
C TYR B 167 1.82 -8.53 3.51
N SER B 168 1.88 -9.55 4.37
CA SER B 168 1.17 -10.80 4.09
C SER B 168 -0.35 -10.64 4.17
N THR B 169 -0.86 -9.66 4.91
CA THR B 169 -2.28 -9.59 5.17
C THR B 169 -2.69 -8.14 5.40
N VAL B 170 -4.00 -7.90 5.40
CA VAL B 170 -4.64 -6.60 5.60
C VAL B 170 -4.43 -6.10 7.03
N PRO B 171 -4.30 -4.79 7.27
CA PRO B 171 -4.27 -4.30 8.66
C PRO B 171 -5.48 -4.79 9.44
N GLY B 172 -5.24 -5.21 10.68
CA GLY B 172 -6.28 -5.74 11.52
C GLY B 172 -6.44 -7.25 11.48
N TYR B 173 -5.89 -7.93 10.47
CA TYR B 173 -6.20 -9.33 10.22
C TYR B 173 -5.07 -10.26 10.61
N TYR B 174 -5.46 -11.50 10.96
CA TYR B 174 -4.52 -12.59 11.08
C TYR B 174 -3.85 -12.89 9.74
N SER B 175 -2.73 -13.56 9.81
CA SER B 175 -2.01 -14.06 8.65
C SER B 175 -1.82 -15.55 8.84
N TRP B 176 -2.04 -16.34 7.79
CA TRP B 176 -2.11 -17.79 7.93
C TRP B 176 -0.81 -18.46 7.51
N ARG B 177 -0.49 -19.55 8.20
CA ARG B 177 0.73 -20.32 7.99
C ARG B 177 0.39 -21.80 7.94
N ASN B 178 1.08 -22.54 7.08
CA ASN B 178 1.01 -24.00 7.09
C ASN B 178 2.31 -24.58 7.63
N THR B 179 2.20 -25.59 8.50
CA THR B 179 3.38 -26.17 9.14
C THR B 179 4.26 -26.95 8.15
N MET B 180 3.69 -27.46 7.07
CA MET B 180 4.50 -28.21 6.12
C MET B 180 5.04 -27.33 4.99
N THR B 181 4.19 -26.54 4.36
CA THR B 181 4.61 -25.75 3.20
C THR B 181 5.00 -24.33 3.54
N GLY B 182 4.82 -23.90 4.79
CA GLY B 182 5.17 -22.55 5.19
C GLY B 182 3.98 -21.59 5.20
N SER B 183 4.31 -20.31 5.28
CA SER B 183 3.26 -19.32 5.30
C SER B 183 2.66 -19.17 3.90
N TRP B 184 1.33 -18.94 3.84
CA TRP B 184 0.65 -18.80 2.55
C TRP B 184 1.34 -17.74 1.69
N PHE B 185 1.72 -16.63 2.31
CA PHE B 185 2.23 -15.50 1.55
C PHE B 185 3.62 -15.78 1.01
N ILE B 186 4.50 -16.31 1.87
CA ILE B 186 5.88 -16.53 1.46
C ILE B 186 5.95 -17.68 0.45
N GLN B 187 5.17 -18.73 0.69
CA GLN B 187 5.03 -19.79 -0.30
C GLN B 187 4.73 -19.20 -1.68
N SER B 188 3.71 -18.34 -1.76
CA SER B 188 3.27 -17.80 -3.03
C SER B 188 4.25 -16.80 -3.58
N LEU B 189 4.86 -16.01 -2.71
CA LEU B 189 5.88 -15.09 -3.17
C LEU B 189 7.05 -15.85 -3.80
N CYS B 190 7.40 -17.00 -3.23
CA CYS B 190 8.54 -17.73 -3.79
C CYS B 190 8.19 -18.39 -5.10
N GLU B 191 6.95 -18.87 -5.23
CA GLU B 191 6.53 -19.45 -6.50
C GLU B 191 6.52 -18.42 -7.61
N MET B 192 6.06 -17.20 -7.31
CA MET B 192 5.92 -16.18 -8.34
C MET B 192 7.25 -15.56 -8.71
N MET B 193 8.13 -15.34 -7.72
CA MET B 193 9.47 -14.88 -8.03
C MET B 193 10.21 -15.89 -8.91
N THR B 194 10.12 -17.18 -8.58
CA THR B 194 10.79 -18.18 -9.40
C THR B 194 10.28 -18.13 -10.83
N LYS B 195 8.95 -18.17 -10.99
CA LYS B 195 8.34 -18.28 -12.31
C LYS B 195 8.49 -16.99 -13.13
N TYR B 196 8.42 -15.81 -12.49
CA TYR B 196 8.41 -14.55 -13.22
C TYR B 196 9.52 -13.58 -12.84
N GLY B 197 10.41 -13.94 -11.90
CA GLY B 197 11.37 -12.98 -11.39
C GLY B 197 12.30 -12.41 -12.45
N SER B 198 12.44 -13.08 -13.59
CA SER B 198 13.34 -12.64 -14.63
C SER B 198 12.64 -11.96 -15.79
N GLU B 199 11.31 -11.78 -15.72
CA GLU B 199 10.68 -11.02 -16.79
C GLU B 199 9.80 -9.85 -16.32
N LEU B 200 9.06 -10.03 -15.21
CA LEU B 200 8.04 -9.04 -14.83
C LEU B 200 8.58 -8.00 -13.86
N GLU B 201 7.86 -6.88 -13.78
CA GLU B 201 8.13 -5.86 -12.78
C GLU B 201 7.58 -6.31 -11.43
N LEU B 202 8.22 -5.83 -10.36
CA LEU B 202 7.94 -6.33 -9.02
C LEU B 202 6.48 -6.10 -8.60
N LEU B 203 5.92 -4.91 -8.87
CA LEU B 203 4.51 -4.71 -8.55
C LEU B 203 3.62 -5.65 -9.33
N GLN B 204 3.99 -5.99 -10.58
CA GLN B 204 3.21 -6.96 -11.34
C GLN B 204 3.37 -8.36 -10.75
N ILE B 205 4.57 -8.69 -10.26
CA ILE B 205 4.74 -9.97 -9.58
C ILE B 205 3.85 -10.02 -8.34
N MET B 206 3.82 -8.95 -7.55
CA MET B 206 3.06 -8.96 -6.29
C MET B 206 1.56 -9.04 -6.53
N THR B 207 1.06 -8.49 -7.64
CA THR B 207 -0.35 -8.68 -7.95
C THR B 207 -0.69 -10.15 -8.18
N ARG B 208 0.24 -10.90 -8.79
CA ARG B 208 0.02 -12.34 -8.97
C ARG B 208 0.07 -13.07 -7.64
N VAL B 209 1.00 -12.67 -6.77
CA VAL B 209 1.00 -13.20 -5.40
C VAL B 209 -0.34 -12.96 -4.73
N ASN B 210 -0.86 -11.73 -4.84
CA ASN B 210 -2.18 -11.45 -4.26
C ASN B 210 -3.22 -12.42 -4.79
N HIS B 211 -3.22 -12.64 -6.10
CA HIS B 211 -4.23 -13.52 -6.68
C HIS B 211 -4.06 -14.96 -6.20
N LYS B 212 -2.81 -15.45 -6.12
CA LYS B 212 -2.60 -16.82 -5.68
C LYS B 212 -3.05 -17.02 -4.23
N VAL B 213 -2.66 -16.11 -3.34
CA VAL B 213 -3.09 -16.21 -1.94
C VAL B 213 -4.61 -16.14 -1.85
N ALA B 214 -5.20 -15.18 -2.57
CA ALA B 214 -6.64 -14.95 -2.50
C ALA B 214 -7.43 -16.15 -3.01
N LEU B 215 -6.91 -16.88 -4.00
CA LEU B 215 -7.70 -17.91 -4.66
C LEU B 215 -7.34 -19.32 -4.21
N ASP B 216 -6.07 -19.60 -3.96
CA ASP B 216 -5.60 -20.96 -3.77
C ASP B 216 -5.58 -21.42 -2.33
N PHE B 217 -5.87 -20.56 -1.34
CA PHE B 217 -5.76 -20.98 0.04
C PHE B 217 -7.06 -20.75 0.78
N GLU B 218 -7.35 -21.65 1.71
CA GLU B 218 -8.48 -21.54 2.60
C GLU B 218 -8.15 -22.36 3.84
N SER B 219 -8.57 -21.88 5.01
CA SER B 219 -8.07 -22.47 6.25
C SER B 219 -8.88 -23.69 6.64
N THR B 220 -8.21 -24.61 7.32
CA THR B 220 -8.86 -25.75 7.96
C THR B 220 -8.35 -25.85 9.38
N SER B 221 -9.25 -25.71 10.36
CA SER B 221 -8.80 -25.87 11.74
C SER B 221 -9.93 -26.42 12.59
N ASN B 222 -9.54 -27.07 13.68
CA ASN B 222 -10.50 -27.57 14.66
C ASN B 222 -10.93 -26.48 15.64
N MET B 223 -10.09 -25.47 15.85
CA MET B 223 -10.42 -24.41 16.79
C MET B 223 -11.68 -23.69 16.32
N PRO B 224 -12.64 -23.44 17.22
CA PRO B 224 -13.91 -22.84 16.78
C PRO B 224 -13.71 -21.43 16.25
N GLY B 225 -14.35 -21.15 15.11
CA GLY B 225 -14.29 -19.84 14.49
C GLY B 225 -13.13 -19.64 13.55
N PHE B 226 -12.20 -20.58 13.46
CA PHE B 226 -11.02 -20.42 12.63
C PHE B 226 -11.08 -21.19 11.31
N ASP B 227 -12.18 -21.90 11.03
CA ASP B 227 -12.26 -22.73 9.85
C ASP B 227 -12.82 -21.97 8.66
N ALA B 228 -12.32 -22.31 7.47
CA ALA B 228 -12.83 -21.82 6.19
C ALA B 228 -12.58 -20.32 5.99
N LYS B 229 -11.41 -19.84 6.41
CA LYS B 229 -11.06 -18.43 6.32
C LYS B 229 -10.12 -18.16 5.14
N LYS B 230 -10.09 -16.90 4.72
CA LYS B 230 -9.37 -16.46 3.53
C LYS B 230 -8.36 -15.39 3.91
N GLN B 231 -7.51 -15.04 2.95
CA GLN B 231 -6.45 -14.05 3.19
C GLN B 231 -6.10 -13.36 1.89
N ILE B 232 -5.86 -12.05 1.97
CA ILE B 232 -5.34 -11.28 0.84
C ILE B 232 -4.20 -10.42 1.35
N PRO B 233 -3.05 -10.42 0.68
CA PRO B 233 -1.92 -9.60 1.13
C PRO B 233 -2.15 -8.13 0.80
N CYS B 234 -1.27 -7.30 1.36
CA CYS B 234 -1.41 -5.85 1.34
C CYS B 234 -0.08 -5.26 0.88
N ILE B 235 -0.03 -4.76 -0.35
CA ILE B 235 1.20 -4.31 -0.99
C ILE B 235 1.25 -2.78 -0.92
N VAL B 236 2.17 -2.23 -0.14
CA VAL B 236 2.26 -0.78 0.09
C VAL B 236 3.49 -0.24 -0.64
N SER B 237 3.26 0.61 -1.64
CA SER B 237 4.34 1.10 -2.48
C SER B 237 4.54 2.60 -2.31
N MET B 238 5.77 2.98 -1.95
CA MET B 238 6.30 4.32 -2.11
C MET B 238 7.39 4.34 -3.18
N LEU B 239 7.33 3.40 -4.11
CA LEU B 239 8.36 3.32 -5.14
C LEU B 239 8.10 4.40 -6.19
N THR B 240 9.18 5.04 -6.64
CA THR B 240 9.10 6.08 -7.66
C THR B 240 9.49 5.58 -9.05
N LYS B 241 9.83 4.29 -9.20
CA LYS B 241 10.20 3.70 -10.49
C LYS B 241 9.79 2.24 -10.50
N GLU B 242 9.81 1.64 -11.69
CA GLU B 242 9.60 0.22 -11.84
C GLU B 242 10.84 -0.54 -11.37
N MET B 243 10.63 -1.67 -10.74
CA MET B 243 11.72 -2.48 -10.19
C MET B 243 11.78 -3.80 -10.95
N TYR B 244 12.83 -3.98 -11.77
CA TYR B 244 13.16 -5.25 -12.40
C TYR B 244 14.40 -5.85 -11.75
N PHE B 245 14.49 -7.18 -11.74
CA PHE B 245 15.62 -7.86 -11.11
C PHE B 245 16.69 -8.29 -12.09
N THR B 246 16.42 -8.24 -13.39
CA THR B 246 17.44 -8.53 -14.40
C THR B 246 17.45 -7.42 -15.43
N PRO B 247 18.65 -7.06 -15.94
CA PRO B 247 18.74 -6.04 -17.00
C PRO B 247 18.33 -6.58 -18.38
C ACE C 1 0.00 27.91 -1.33
O ACE C 1 -1.07 27.31 -1.43
CH3 ACE C 1 0.16 29.33 -1.84
N ASP C 2 1.09 27.39 -0.79
CA ASP C 2 1.14 26.03 -0.25
C ASP C 2 0.53 25.94 1.15
N GLU C 3 -0.43 25.05 1.31
CA GLU C 3 -1.09 24.79 2.59
C GLU C 3 -1.14 23.29 2.81
N VAL C 4 -1.15 22.88 4.08
CA VAL C 4 -1.38 21.47 4.42
C VAL C 4 -2.88 21.23 4.63
N ASP C 5 -3.31 19.97 4.50
CA ASP C 5 -4.73 19.62 4.60
C ASP C 5 -5.16 19.12 5.99
C1 0QE C 6 -4.88 19.94 7.27
C ACE D 1 -1.80 -26.37 9.42
O ACE D 1 -0.71 -25.81 9.51
CH3 ACE D 1 -1.88 -27.87 9.49
N ASP D 2 -2.97 -25.73 9.25
CA ASP D 2 -3.06 -24.28 9.18
C ASP D 2 -3.02 -23.68 10.58
N GLU D 3 -2.18 -22.66 10.79
CA GLU D 3 -2.12 -21.94 12.05
C GLU D 3 -2.06 -20.45 11.75
N VAL D 4 -2.47 -19.63 12.72
CA VAL D 4 -2.33 -18.20 12.57
C VAL D 4 -0.98 -17.72 13.13
N ASP D 5 -0.47 -16.67 12.52
CA ASP D 5 0.85 -16.18 12.78
C ASP D 5 0.82 -14.72 13.10
C1 0QE D 6 1.15 -14.13 14.46
C1 MPD E . 8.06 11.12 -17.32
C2 MPD E . 6.54 11.18 -17.11
O2 MPD E . 5.86 11.18 -18.39
CM MPD E . 6.11 9.92 -16.39
C3 MPD E . 6.15 12.43 -16.33
C4 MPD E . 7.02 13.64 -16.65
O4 MPD E . 6.66 14.17 -17.91
C5 MPD E . 6.87 14.73 -15.59
C1 MRD F . -7.55 2.41 6.54
C2 MRD F . -7.51 1.51 5.31
O2 MRD F . -8.69 1.82 4.53
CM MRD F . -6.26 1.75 4.45
C3 MRD F . -7.52 0.05 5.73
C4 MRD F . -8.61 -0.70 4.99
O4 MRD F . -9.83 -0.48 5.69
C5 MRD F . -8.31 -2.19 4.90
#